data_5LX6
#
_entry.id   5LX6
#
_cell.length_a   52.480
_cell.length_b   88.677
_cell.length_c   58.405
_cell.angle_alpha   90.00
_cell.angle_beta   104.68
_cell.angle_gamma   90.00
#
_symmetry.space_group_name_H-M   'P 1 21 1'
#
loop_
_entity.id
_entity.type
_entity.pdbx_description
1 polymer 'Poly [ADP-ribose] polymerase 10'
2 non-polymer (2R)-2-(7-carbamoyl-1H-benzimidazol-2-yl)-2-methylpyrrolidinium
3 water water
#
_entity_poly.entity_id   1
_entity_poly.type   'polypeptide(L)'
_entity_poly.pdbx_seq_one_letter_code
;SMNLERLAENTGEFQEVVRAFYDTLDAARSSIRVVRVERVSHPLLQQQYELYRERLLQRCERRPVEQVLYHGTTAPAVPD
ICAHGFNRSFCGRNATVYGKGVYFARRASLSVQDRYSPPNADGHKAVFVARVLTGDYGQGRRGLRAPPLRGPGHVLLRYD
SAVDCICQPSIFVIFHDTQALPTHLITCEHV
;
_entity_poly.pdbx_strand_id   A,B
#
loop_
_chem_comp.id
_chem_comp.type
_chem_comp.name
_chem_comp.formula
78P non-polymer (2R)-2-(7-carbamoyl-1H-benzimidazol-2-yl)-2-methylpyrrolidinium 'C13 H16 N4 O'
#
# COMPACT_ATOMS: atom_id res chain seq x y z
N SER A 1 -4.62 -12.31 21.74
CA SER A 1 -3.51 -11.36 21.69
C SER A 1 -4.00 -9.99 21.20
N MET A 2 -3.92 -8.97 22.08
CA MET A 2 -4.35 -7.60 21.79
C MET A 2 -3.31 -6.92 20.89
N ASN A 3 -3.70 -5.84 20.16
CA ASN A 3 -2.81 -5.14 19.21
C ASN A 3 -1.62 -4.42 19.89
N LEU A 4 -1.74 -4.05 21.17
CA LEU A 4 -0.67 -3.37 21.92
C LEU A 4 -0.68 -3.89 23.37
N GLU A 5 0.44 -4.52 23.81
CA GLU A 5 0.56 -5.09 25.16
C GLU A 5 1.89 -4.74 25.79
N ARG A 6 1.90 -4.41 27.10
CA ARG A 6 3.13 -4.09 27.82
C ARG A 6 4.10 -5.29 27.80
N LEU A 7 5.37 -5.03 27.47
CA LEU A 7 6.42 -6.06 27.47
C LEU A 7 7.03 -6.13 28.88
N ALA A 8 6.99 -7.33 29.50
CA ALA A 8 7.50 -7.55 30.85
C ALA A 8 9.00 -7.23 30.94
N GLU A 9 9.41 -6.52 32.00
CA GLU A 9 10.78 -6.04 32.17
C GLU A 9 11.78 -7.14 32.62
N ASN A 10 11.29 -8.35 32.98
CA ASN A 10 12.12 -9.49 33.37
C ASN A 10 12.46 -10.39 32.14
N THR A 11 12.35 -9.85 30.92
CA THR A 11 12.63 -10.59 29.68
C THR A 11 13.91 -10.13 28.98
N GLY A 12 14.58 -11.07 28.30
CA GLY A 12 15.73 -10.75 27.46
C GLY A 12 15.32 -9.80 26.34
N GLU A 13 14.10 -9.96 25.77
CA GLU A 13 13.58 -9.10 24.69
C GLU A 13 13.55 -7.61 25.14
N PHE A 14 13.03 -7.33 26.36
CA PHE A 14 13.00 -5.95 26.89
C PHE A 14 14.43 -5.39 26.97
N GLN A 15 15.37 -6.14 27.58
CA GLN A 15 16.75 -5.67 27.74
C GLN A 15 17.43 -5.38 26.38
N GLU A 16 17.19 -6.25 25.37
CA GLU A 16 17.80 -6.12 24.03
C GLU A 16 17.24 -4.88 23.28
N VAL A 17 15.92 -4.63 23.33
CA VAL A 17 15.29 -3.48 22.65
C VAL A 17 15.80 -2.16 23.27
N VAL A 18 15.86 -2.08 24.61
CA VAL A 18 16.32 -0.88 25.31
C VAL A 18 17.82 -0.63 25.03
N ARG A 19 18.67 -1.70 25.02
CA ARG A 19 20.10 -1.56 24.73
C ARG A 19 20.35 -1.02 23.30
N ALA A 20 19.62 -1.52 22.28
CA ALA A 20 19.79 -1.04 20.88
C ALA A 20 19.39 0.44 20.74
N PHE A 21 18.32 0.87 21.46
CA PHE A 21 17.85 2.25 21.50
C PHE A 21 18.93 3.16 22.13
N TYR A 22 19.44 2.82 23.33
CA TYR A 22 20.50 3.62 23.97
C TYR A 22 21.81 3.66 23.16
N ASP A 23 22.16 2.56 22.46
CA ASP A 23 23.38 2.48 21.65
C ASP A 23 23.39 3.49 20.48
N THR A 24 22.20 3.96 20.03
CA THR A 24 22.14 4.91 18.90
C THR A 24 21.57 6.29 19.33
N LEU A 25 21.54 6.58 20.66
CA LEU A 25 21.04 7.88 21.16
C LEU A 25 22.11 8.99 21.09
N ASP A 26 23.40 8.61 20.88
CA ASP A 26 24.53 9.53 20.71
C ASP A 26 24.58 10.57 21.87
N ALA A 27 24.62 11.89 21.57
CA ALA A 27 24.71 12.95 22.59
C ALA A 27 23.49 13.01 23.55
N ALA A 28 22.33 12.41 23.16
CA ALA A 28 21.10 12.39 23.96
C ALA A 28 21.04 11.22 24.98
N ARG A 29 22.04 10.32 24.99
CA ARG A 29 22.07 9.13 25.86
C ARG A 29 21.85 9.45 27.35
N SER A 30 22.45 10.54 27.87
CA SER A 30 22.33 10.92 29.29
C SER A 30 21.10 11.82 29.59
N SER A 31 20.30 12.20 28.58
CA SER A 31 19.15 13.08 28.81
C SER A 31 17.79 12.45 28.46
N ILE A 32 17.76 11.15 28.08
CA ILE A 32 16.54 10.41 27.75
C ILE A 32 16.39 9.19 28.69
N ARG A 33 15.17 8.98 29.22
CA ARG A 33 14.77 7.87 30.09
C ARG A 33 13.63 7.06 29.42
N VAL A 34 13.70 5.70 29.44
CA VAL A 34 12.61 4.84 28.93
C VAL A 34 11.55 4.71 30.05
N VAL A 35 10.28 4.98 29.73
CA VAL A 35 9.13 4.87 30.65
C VAL A 35 8.59 3.41 30.60
N ARG A 36 8.33 2.89 29.38
CA ARG A 36 7.83 1.52 29.18
C ARG A 36 8.09 1.10 27.73
N VAL A 37 7.98 -0.21 27.46
CA VAL A 37 8.05 -0.78 26.11
C VAL A 37 6.81 -1.64 25.91
N GLU A 38 6.15 -1.54 24.74
CA GLU A 38 4.99 -2.35 24.39
C GLU A 38 5.25 -3.14 23.10
N ARG A 39 4.70 -4.35 22.99
CA ARG A 39 4.79 -5.18 21.79
C ARG A 39 3.58 -4.90 20.90
N VAL A 40 3.80 -4.72 19.58
CA VAL A 40 2.72 -4.51 18.61
C VAL A 40 2.35 -5.87 17.94
N SER A 41 1.05 -6.19 17.83
CA SER A 41 0.58 -7.41 17.15
C SER A 41 -0.40 -7.07 16.02
N HIS A 42 -0.03 -7.41 14.77
CA HIS A 42 -0.88 -7.25 13.58
C HIS A 42 -0.65 -8.50 12.70
N PRO A 43 -1.34 -9.63 13.00
CA PRO A 43 -1.06 -10.88 12.27
C PRO A 43 -1.15 -10.82 10.73
N LEU A 44 -2.17 -10.13 10.16
CA LEU A 44 -2.28 -10.04 8.71
C LEU A 44 -1.08 -9.29 8.08
N LEU A 45 -0.73 -8.11 8.64
CA LEU A 45 0.40 -7.37 8.10
C LEU A 45 1.73 -8.17 8.27
N GLN A 46 1.93 -8.85 9.42
CA GLN A 46 3.16 -9.64 9.60
C GLN A 46 3.26 -10.74 8.52
N GLN A 47 2.16 -11.45 8.21
CA GLN A 47 2.19 -12.51 7.20
C GLN A 47 2.43 -11.94 5.79
N GLN A 48 1.82 -10.78 5.44
CA GLN A 48 2.03 -10.15 4.13
C GLN A 48 3.49 -9.65 3.98
N TYR A 49 4.05 -9.06 5.06
CA TYR A 49 5.44 -8.58 5.13
C TYR A 49 6.46 -9.74 4.94
N GLU A 50 6.22 -10.88 5.62
CA GLU A 50 7.13 -12.04 5.53
C GLU A 50 7.19 -12.62 4.11
N LEU A 51 6.07 -12.59 3.36
CA LEU A 51 6.05 -13.04 1.96
C LEU A 51 6.88 -12.09 1.07
N TYR A 52 6.78 -10.77 1.30
CA TYR A 52 7.57 -9.76 0.57
C TYR A 52 9.08 -9.98 0.86
N ARG A 53 9.44 -10.24 2.13
CA ARG A 53 10.83 -10.48 2.55
C ARG A 53 11.44 -11.68 1.80
N GLU A 54 10.68 -12.81 1.71
CA GLU A 54 11.12 -14.03 1.03
C GLU A 54 11.40 -13.77 -0.46
N ARG A 55 10.52 -12.98 -1.13
CA ARG A 55 10.67 -12.61 -2.54
C ARG A 55 11.94 -11.76 -2.75
N LEU A 56 12.20 -10.77 -1.85
CA LEU A 56 13.37 -9.91 -1.94
C LEU A 56 14.68 -10.67 -1.70
N LEU A 57 14.69 -11.66 -0.78
CA LEU A 57 15.87 -12.49 -0.51
C LEU A 57 16.29 -13.30 -1.74
N GLN A 58 15.30 -13.69 -2.57
CA GLN A 58 15.53 -14.46 -3.80
C GLN A 58 16.00 -13.59 -4.97
N ARG A 59 15.53 -12.33 -5.05
CA ARG A 59 15.80 -11.38 -6.13
C ARG A 59 16.99 -10.43 -5.89
N CYS A 60 16.92 -9.58 -4.82
CA CYS A 60 17.89 -8.52 -4.46
C CYS A 60 19.33 -9.04 -4.33
N GLU A 61 20.29 -8.16 -4.69
CA GLU A 61 21.73 -8.39 -4.67
C GLU A 61 22.34 -8.01 -3.31
N ARG A 62 22.11 -6.75 -2.87
CA ARG A 62 22.61 -6.17 -1.62
C ARG A 62 22.13 -6.93 -0.38
N ARG A 63 23.06 -7.19 0.57
CA ARG A 63 22.79 -7.87 1.84
C ARG A 63 23.22 -6.96 3.01
N PRO A 64 22.38 -6.75 4.06
CA PRO A 64 21.03 -7.32 4.28
C PRO A 64 19.95 -6.62 3.45
N VAL A 65 18.78 -7.28 3.26
CA VAL A 65 17.64 -6.69 2.56
C VAL A 65 16.70 -5.99 3.60
N GLU A 66 16.78 -6.42 4.88
CA GLU A 66 15.96 -5.93 6.01
C GLU A 66 16.84 -5.21 7.06
N GLN A 67 16.30 -4.12 7.67
CA GLN A 67 16.97 -3.39 8.76
C GLN A 67 15.96 -3.07 9.86
N VAL A 68 16.43 -2.96 11.10
CA VAL A 68 15.61 -2.50 12.23
C VAL A 68 15.83 -0.97 12.31
N LEU A 69 14.75 -0.17 12.14
CA LEU A 69 14.79 1.30 12.09
C LEU A 69 13.77 1.91 13.07
N TYR A 70 13.89 3.24 13.32
CA TYR A 70 13.05 3.98 14.26
C TYR A 70 12.08 4.95 13.54
N HIS A 71 10.91 5.20 14.17
CA HIS A 71 9.90 6.13 13.63
C HIS A 71 9.21 6.86 14.79
N GLY A 72 9.54 8.13 14.96
CA GLY A 72 8.88 8.96 15.97
C GLY A 72 7.52 9.42 15.45
N THR A 73 6.54 9.56 16.35
CA THR A 73 5.22 10.06 15.93
C THR A 73 4.53 10.83 17.07
N THR A 74 3.32 11.34 16.79
CA THR A 74 2.51 12.05 17.78
C THR A 74 1.71 11.05 18.61
N ALA A 75 1.27 11.43 19.84
CA ALA A 75 0.47 10.53 20.67
C ALA A 75 -0.86 10.10 19.97
N PRO A 76 -1.64 10.99 19.29
CA PRO A 76 -2.88 10.53 18.66
C PRO A 76 -2.70 9.57 17.47
N ALA A 77 -1.52 9.54 16.83
CA ALA A 77 -1.26 8.67 15.66
C ALA A 77 -0.97 7.21 16.06
N VAL A 78 -0.66 6.93 17.34
CA VAL A 78 -0.28 5.59 17.83
C VAL A 78 -1.39 4.51 17.55
N PRO A 79 -2.70 4.68 17.90
CA PRO A 79 -3.67 3.61 17.63
C PRO A 79 -3.82 3.22 16.16
N ASP A 80 -3.72 4.20 15.22
CA ASP A 80 -3.86 3.90 13.80
C ASP A 80 -2.70 3.05 13.25
N ILE A 81 -1.44 3.32 13.69
CA ILE A 81 -0.27 2.54 13.26
C ILE A 81 -0.37 1.10 13.82
N CYS A 82 -0.85 0.94 15.06
CA CYS A 82 -1.00 -0.40 15.66
C CYS A 82 -2.06 -1.24 14.92
N ALA A 83 -3.18 -0.60 14.53
CA ALA A 83 -4.30 -1.28 13.88
C ALA A 83 -4.11 -1.50 12.36
N HIS A 84 -3.37 -0.61 11.68
CA HIS A 84 -3.30 -0.68 10.21
C HIS A 84 -1.88 -0.67 9.61
N GLY A 85 -0.85 -0.43 10.40
CA GLY A 85 0.51 -0.30 9.88
C GLY A 85 0.76 1.14 9.48
N PHE A 86 1.86 1.38 8.74
CA PHE A 86 2.23 2.71 8.27
C PHE A 86 1.52 3.03 6.95
N ASN A 87 1.16 4.30 6.72
CA ASN A 87 0.41 4.69 5.52
C ASN A 87 0.96 5.99 4.93
N ARG A 88 1.55 5.91 3.72
CA ARG A 88 2.14 7.06 3.00
C ARG A 88 1.12 8.16 2.65
N SER A 89 -0.19 7.82 2.57
CA SER A 89 -1.24 8.77 2.18
C SER A 89 -1.51 9.82 3.28
N PHE A 90 -0.99 9.59 4.52
CA PHE A 90 -1.12 10.47 5.68
CA PHE A 90 -1.15 10.55 5.62
C PHE A 90 0.18 11.26 5.94
N CYS A 91 1.09 11.34 4.93
CA CYS A 91 2.40 12.02 5.06
C CYS A 91 2.28 13.53 5.34
N GLY A 92 1.18 14.16 4.93
CA GLY A 92 0.96 15.60 5.12
C GLY A 92 1.62 16.43 4.03
N ARG A 93 1.48 17.77 4.14
CA ARG A 93 2.02 18.71 3.15
C ARG A 93 3.37 19.33 3.57
N ASN A 94 3.81 19.09 4.82
CA ASN A 94 5.03 19.67 5.37
C ASN A 94 6.21 18.70 5.46
N ALA A 95 7.39 19.21 5.05
CA ALA A 95 8.71 18.59 5.14
C ALA A 95 8.85 17.19 4.47
N THR A 96 8.15 16.94 3.33
CA THR A 96 8.30 15.66 2.59
C THR A 96 9.46 15.85 1.57
N VAL A 97 10.64 16.17 2.10
CA VAL A 97 11.79 16.58 1.29
C VAL A 97 12.41 15.45 0.44
N TYR A 98 12.17 14.16 0.76
CA TYR A 98 12.70 13.04 -0.01
C TYR A 98 11.57 12.20 -0.66
N GLY A 99 10.35 12.78 -0.73
CA GLY A 99 9.20 12.15 -1.37
C GLY A 99 7.99 11.88 -0.48
N LYS A 100 6.86 11.50 -1.12
CA LYS A 100 5.60 11.21 -0.41
C LYS A 100 5.54 9.72 0.05
N GLY A 101 6.35 9.41 1.07
CA GLY A 101 6.42 8.08 1.67
C GLY A 101 6.47 8.14 3.18
N VAL A 102 6.80 7.01 3.83
CA VAL A 102 6.92 6.91 5.30
C VAL A 102 8.43 6.92 5.63
N TYR A 103 8.82 7.79 6.58
CA TYR A 103 10.23 8.09 6.92
C TYR A 103 10.72 7.31 8.15
N PHE A 104 11.92 6.72 8.04
CA PHE A 104 12.56 5.93 9.10
C PHE A 104 14.00 6.34 9.33
N ALA A 105 14.47 6.36 10.60
CA ALA A 105 15.85 6.72 10.95
C ALA A 105 16.68 5.48 11.31
N ARG A 106 17.94 5.46 10.87
CA ARG A 106 18.90 4.44 11.31
C ARG A 106 19.25 4.59 12.81
N ARG A 107 19.27 5.84 13.31
CA ARG A 107 19.69 6.12 14.69
C ARG A 107 18.56 6.73 15.53
N ALA A 108 18.37 6.21 16.76
CA ALA A 108 17.34 6.72 17.67
C ALA A 108 17.52 8.22 18.00
N SER A 109 18.77 8.73 17.91
CA SER A 109 19.06 10.15 18.17
C SER A 109 18.28 11.10 17.22
N LEU A 110 17.92 10.63 16.01
CA LEU A 110 17.14 11.43 15.09
C LEU A 110 15.63 11.39 15.46
N SER A 111 15.03 10.18 15.58
CA SER A 111 13.60 10.03 15.86
C SER A 111 13.16 10.55 17.24
N VAL A 112 14.08 10.63 18.23
CA VAL A 112 13.79 11.11 19.59
C VAL A 112 13.68 12.67 19.63
N GLN A 113 14.05 13.39 18.56
CA GLN A 113 13.91 14.86 18.54
C GLN A 113 12.42 15.23 18.67
N ASP A 114 12.11 16.30 19.43
CA ASP A 114 10.72 16.74 19.67
C ASP A 114 9.97 17.07 18.35
N ARG A 115 10.69 17.45 17.26
CA ARG A 115 10.03 17.73 15.99
C ARG A 115 9.38 16.45 15.37
N TYR A 116 9.89 15.23 15.71
CA TYR A 116 9.35 13.97 15.19
C TYR A 116 8.51 13.20 16.23
N SER A 117 8.88 13.24 17.53
CA SER A 117 8.14 12.57 18.61
C SER A 117 7.72 13.61 19.68
N PRO A 118 6.80 14.56 19.35
CA PRO A 118 6.47 15.61 20.32
C PRO A 118 5.82 15.07 21.60
N PRO A 119 6.20 15.59 22.78
CA PRO A 119 5.64 15.03 24.02
C PRO A 119 4.19 15.42 24.27
N ASN A 120 3.45 14.56 24.98
CA ASN A 120 2.08 14.88 25.39
C ASN A 120 2.14 15.74 26.67
N ALA A 121 0.98 16.09 27.28
CA ALA A 121 0.94 16.98 28.45
C ALA A 121 1.63 16.38 29.68
N ASP A 122 1.81 15.04 29.71
CA ASP A 122 2.51 14.36 30.79
C ASP A 122 4.02 14.12 30.49
N GLY A 123 4.52 14.69 29.38
CA GLY A 123 5.93 14.62 28.99
C GLY A 123 6.36 13.35 28.28
N HIS A 124 5.40 12.49 27.89
CA HIS A 124 5.71 11.20 27.27
C HIS A 124 5.79 11.32 25.74
N LYS A 125 6.84 10.69 25.14
CA LYS A 125 7.18 10.69 23.72
C LYS A 125 7.08 9.29 23.13
N ALA A 126 6.50 9.15 21.91
CA ALA A 126 6.27 7.86 21.23
C ALA A 126 7.26 7.59 20.09
N VAL A 127 8.07 6.50 20.21
CA VAL A 127 9.03 6.11 19.17
C VAL A 127 8.80 4.63 18.81
N PHE A 128 8.31 4.35 17.58
CA PHE A 128 8.15 2.97 17.12
C PHE A 128 9.50 2.37 16.67
N VAL A 129 9.62 1.04 16.85
CA VAL A 129 10.70 0.21 16.33
C VAL A 129 10.05 -0.63 15.23
N ALA A 130 10.65 -0.69 14.02
CA ALA A 130 10.08 -1.43 12.90
C ALA A 130 11.11 -2.25 12.12
N ARG A 131 10.66 -3.39 11.56
CA ARG A 131 11.42 -4.19 10.60
C ARG A 131 11.07 -3.61 9.22
N VAL A 132 12.08 -3.13 8.46
CA VAL A 132 11.85 -2.43 7.19
C VAL A 132 12.63 -3.09 6.06
N LEU A 133 11.94 -3.37 4.92
CA LEU A 133 12.58 -3.98 3.74
C LEU A 133 13.17 -2.87 2.83
N THR A 134 14.39 -2.39 3.17
CA THR A 134 15.08 -1.31 2.47
C THR A 134 15.62 -1.77 1.09
N GLY A 135 16.06 -3.03 0.98
CA GLY A 135 16.60 -3.59 -0.27
C GLY A 135 17.60 -2.70 -0.98
N ASP A 136 17.40 -2.48 -2.30
CA ASP A 136 18.25 -1.59 -3.11
C ASP A 136 17.69 -0.17 -3.05
N TYR A 137 18.54 0.84 -2.74
CA TYR A 137 18.07 2.23 -2.57
C TYR A 137 18.70 3.21 -3.57
N GLY A 138 17.96 4.29 -3.83
CA GLY A 138 18.38 5.40 -4.69
C GLY A 138 18.10 6.75 -4.03
N GLN A 139 18.48 7.85 -4.69
CA GLN A 139 18.33 9.21 -4.15
C GLN A 139 16.87 9.69 -4.02
N GLY A 140 16.49 10.14 -2.81
CA GLY A 140 15.18 10.75 -2.60
C GLY A 140 15.15 12.21 -3.07
N ARG A 141 13.94 12.70 -3.43
CA ARG A 141 13.69 14.08 -3.87
CA ARG A 141 13.69 14.07 -3.91
C ARG A 141 12.21 14.44 -3.69
N ARG A 142 11.87 15.75 -3.62
CA ARG A 142 10.48 16.17 -3.41
C ARG A 142 9.61 15.78 -4.59
N GLY A 143 8.40 15.32 -4.28
CA GLY A 143 7.44 14.94 -5.31
C GLY A 143 7.38 13.49 -5.71
N LEU A 144 8.36 12.64 -5.27
CA LEU A 144 8.35 11.19 -5.56
C LEU A 144 7.07 10.59 -5.01
N ARG A 145 6.43 9.71 -5.80
CA ARG A 145 5.22 9.01 -5.37
CA ARG A 145 5.20 9.00 -5.42
C ARG A 145 5.51 7.51 -5.18
N ALA A 146 6.68 7.08 -5.66
CA ALA A 146 7.22 5.72 -5.59
C ALA A 146 8.77 5.83 -5.54
N PRO A 147 9.55 4.76 -5.30
CA PRO A 147 11.02 4.92 -5.25
C PRO A 147 11.62 5.43 -6.57
N PRO A 148 12.81 6.07 -6.55
CA PRO A 148 13.37 6.62 -7.80
C PRO A 148 13.77 5.57 -8.83
N LEU A 149 13.87 6.01 -10.09
CA LEU A 149 14.24 5.17 -11.25
C LEU A 149 15.71 4.73 -11.17
N ARG A 150 16.00 3.46 -11.59
CA ARG A 150 17.36 2.90 -11.59
C ARG A 150 18.22 3.42 -12.76
N GLY A 151 17.61 3.72 -13.90
CA GLY A 151 18.30 4.21 -15.09
C GLY A 151 19.05 3.15 -15.89
N PRO A 152 19.99 3.58 -16.78
CA PRO A 152 20.73 2.60 -17.60
C PRO A 152 21.62 1.66 -16.78
N GLY A 153 21.82 0.44 -17.30
CA GLY A 153 22.64 -0.58 -16.65
C GLY A 153 21.92 -1.46 -15.66
N HIS A 154 20.56 -1.41 -15.65
CA HIS A 154 19.68 -2.19 -14.76
C HIS A 154 18.43 -2.68 -15.51
N VAL A 155 18.02 -3.97 -15.29
CA VAL A 155 16.79 -4.53 -15.90
C VAL A 155 15.56 -3.93 -15.20
N LEU A 156 15.56 -3.88 -13.85
CA LEU A 156 14.46 -3.32 -13.07
C LEU A 156 14.42 -1.80 -13.26
N LEU A 157 13.20 -1.24 -13.31
CA LEU A 157 12.99 0.18 -13.57
C LEU A 157 13.08 1.07 -12.32
N ARG A 158 12.63 0.58 -11.13
CA ARG A 158 12.69 1.39 -9.91
C ARG A 158 13.42 0.67 -8.79
N TYR A 159 13.96 1.45 -7.83
CA TYR A 159 14.61 0.95 -6.62
C TYR A 159 13.53 0.46 -5.62
N ASP A 160 13.96 -0.10 -4.49
CA ASP A 160 13.02 -0.57 -3.45
C ASP A 160 12.69 0.53 -2.42
N SER A 161 13.62 1.49 -2.21
CA SER A 161 13.44 2.58 -1.24
C SER A 161 14.24 3.82 -1.68
N ALA A 162 14.01 4.96 -1.02
CA ALA A 162 14.74 6.23 -1.24
C ALA A 162 15.51 6.61 0.02
N VAL A 163 16.63 7.34 -0.13
CA VAL A 163 17.48 7.76 0.99
C VAL A 163 17.88 9.23 0.89
N ASP A 164 18.41 9.77 1.99
CA ASP A 164 18.97 11.12 2.03
C ASP A 164 20.31 11.21 1.26
N CYS A 165 21.20 10.22 1.47
CA CYS A 165 22.56 10.12 0.90
CA CYS A 165 22.55 10.13 0.93
C CYS A 165 22.82 8.70 0.45
N ILE A 166 23.23 8.51 -0.82
CA ILE A 166 23.44 7.14 -1.32
C ILE A 166 24.71 6.46 -0.76
N CYS A 167 25.72 7.23 -0.27
CA CYS A 167 26.95 6.63 0.26
CA CYS A 167 26.95 6.65 0.27
C CYS A 167 26.79 6.21 1.73
N GLN A 168 26.39 7.14 2.62
CA GLN A 168 26.23 6.81 4.05
C GLN A 168 24.78 7.13 4.47
N PRO A 169 23.75 6.33 4.07
CA PRO A 169 22.37 6.73 4.39
C PRO A 169 22.03 6.74 5.88
N SER A 170 21.27 7.76 6.31
CA SER A 170 20.79 7.89 7.69
C SER A 170 19.25 7.88 7.78
N ILE A 171 18.56 8.13 6.64
CA ILE A 171 17.10 8.20 6.52
C ILE A 171 16.65 7.33 5.33
N PHE A 172 15.62 6.48 5.54
CA PHE A 172 15.03 5.61 4.52
C PHE A 172 13.54 5.96 4.36
N VAL A 173 13.07 6.05 3.09
CA VAL A 173 11.68 6.40 2.77
C VAL A 173 11.06 5.20 2.00
N ILE A 174 9.91 4.71 2.51
CA ILE A 174 9.15 3.54 2.04
C ILE A 174 7.84 3.98 1.37
N PHE A 175 7.46 3.32 0.24
CA PHE A 175 6.30 3.75 -0.56
C PHE A 175 5.28 2.60 -0.84
N HIS A 176 5.31 1.50 -0.06
CA HIS A 176 4.38 0.37 -0.19
CA HIS A 176 4.39 0.37 -0.20
C HIS A 176 3.86 -0.03 1.18
N ASP A 177 2.55 -0.34 1.28
CA ASP A 177 1.83 -0.69 2.52
C ASP A 177 2.38 -1.90 3.30
N THR A 178 3.00 -2.88 2.61
CA THR A 178 3.46 -4.12 3.29
C THR A 178 4.98 -4.18 3.49
N GLN A 179 5.70 -3.08 3.25
CA GLN A 179 7.16 -3.04 3.28
C GLN A 179 7.77 -2.67 4.65
N ALA A 180 6.93 -2.31 5.64
CA ALA A 180 7.40 -1.98 7.00
C ALA A 180 6.46 -2.60 8.04
N LEU A 181 7.01 -3.27 9.05
CA LEU A 181 6.23 -3.91 10.09
C LEU A 181 6.57 -3.28 11.47
N PRO A 182 5.61 -2.56 12.13
CA PRO A 182 5.90 -2.07 13.51
C PRO A 182 5.98 -3.27 14.47
N THR A 183 7.05 -3.39 15.29
CA THR A 183 7.20 -4.54 16.21
C THR A 183 7.07 -4.09 17.68
N HIS A 184 7.58 -2.89 18.02
CA HIS A 184 7.57 -2.36 19.39
C HIS A 184 7.25 -0.88 19.40
N LEU A 185 6.76 -0.39 20.55
CA LEU A 185 6.55 1.02 20.83
C LEU A 185 7.33 1.37 22.09
N ILE A 186 8.32 2.28 21.97
CA ILE A 186 9.07 2.76 23.13
C ILE A 186 8.48 4.10 23.59
N THR A 187 8.02 4.17 24.85
CA THR A 187 7.57 5.43 25.44
C THR A 187 8.75 5.98 26.24
N CYS A 188 9.21 7.21 25.93
CA CYS A 188 10.37 7.79 26.61
C CYS A 188 10.07 9.26 27.07
N GLU A 189 11.01 9.86 27.83
CA GLU A 189 10.83 11.22 28.36
C GLU A 189 12.22 11.87 28.58
N HIS A 190 12.25 13.20 28.72
CA HIS A 190 13.47 13.94 29.01
C HIS A 190 13.76 13.82 30.51
N VAL A 191 15.02 13.54 30.89
CA VAL A 191 15.43 13.37 32.30
C VAL A 191 15.04 14.60 33.16
N ASN B 3 4.69 -11.89 -17.61
CA ASN B 3 3.59 -11.90 -16.64
C ASN B 3 2.21 -11.98 -17.32
N LEU B 4 2.17 -12.12 -18.67
CA LEU B 4 0.95 -12.22 -19.46
C LEU B 4 0.97 -13.49 -20.34
N GLU B 5 -0.15 -14.23 -20.38
CA GLU B 5 -0.31 -15.44 -21.20
C GLU B 5 -1.57 -15.32 -22.04
N ARG B 6 -1.44 -15.37 -23.38
CA ARG B 6 -2.60 -15.28 -24.27
C ARG B 6 -3.48 -16.53 -24.18
N LEU B 7 -4.80 -16.35 -24.05
CA LEU B 7 -5.76 -17.46 -23.98
C LEU B 7 -6.32 -17.81 -25.36
N ALA B 8 -6.45 -19.12 -25.66
CA ALA B 8 -7.02 -19.57 -26.94
C ALA B 8 -8.53 -19.34 -26.94
N GLU B 9 -9.10 -18.96 -28.11
CA GLU B 9 -10.52 -18.63 -28.25
C GLU B 9 -11.47 -19.83 -28.01
N ASN B 10 -10.98 -21.08 -28.12
CA ASN B 10 -11.79 -22.29 -27.90
C ASN B 10 -11.83 -22.72 -26.41
N THR B 11 -11.29 -21.91 -25.47
CA THR B 11 -11.28 -22.28 -24.04
C THR B 11 -12.48 -21.67 -23.30
N GLY B 12 -12.96 -22.38 -22.27
CA GLY B 12 -14.04 -21.90 -21.41
C GLY B 12 -13.70 -20.61 -20.69
N GLU B 13 -12.41 -20.44 -20.29
CA GLU B 13 -11.95 -19.22 -19.60
C GLU B 13 -12.05 -17.99 -20.54
N PHE B 14 -11.57 -18.10 -21.81
CA PHE B 14 -11.70 -16.99 -22.78
C PHE B 14 -13.17 -16.66 -23.00
N GLN B 15 -14.01 -17.69 -23.22
CA GLN B 15 -15.43 -17.50 -23.51
C GLN B 15 -16.19 -16.82 -22.37
N GLU B 16 -15.90 -17.16 -21.09
CA GLU B 16 -16.57 -16.54 -19.95
C GLU B 16 -16.15 -15.06 -19.74
N VAL B 17 -14.85 -14.75 -19.93
CA VAL B 17 -14.35 -13.37 -19.78
C VAL B 17 -15.01 -12.47 -20.84
N VAL B 18 -15.04 -12.92 -22.11
CA VAL B 18 -15.60 -12.13 -23.21
C VAL B 18 -17.16 -12.03 -23.07
N ARG B 19 -17.85 -13.09 -22.63
CA ARG B 19 -19.30 -13.05 -22.42
C ARG B 19 -19.71 -11.97 -21.38
N ALA B 20 -19.01 -11.91 -20.23
CA ALA B 20 -19.31 -10.93 -19.17
C ALA B 20 -19.01 -9.49 -19.63
N PHE B 21 -17.93 -9.31 -20.42
CA PHE B 21 -17.53 -8.00 -20.98
C PHE B 21 -18.60 -7.49 -21.97
N TYR B 22 -19.00 -8.31 -22.96
CA TYR B 22 -20.03 -7.91 -23.93
C TYR B 22 -21.40 -7.66 -23.25
N ASP B 23 -21.76 -8.48 -22.24
CA ASP B 23 -23.03 -8.36 -21.52
C ASP B 23 -23.20 -7.00 -20.81
N THR B 24 -22.09 -6.37 -20.37
CA THR B 24 -22.16 -5.09 -19.65
C THR B 24 -21.66 -3.89 -20.50
N LEU B 25 -21.51 -4.07 -21.83
CA LEU B 25 -21.10 -2.99 -22.73
C LEU B 25 -22.27 -2.03 -23.07
N ASP B 26 -23.52 -2.44 -22.80
CA ASP B 26 -24.75 -1.65 -22.98
C ASP B 26 -24.84 -1.00 -24.38
N ALA B 27 -24.92 0.35 -24.50
CA ALA B 27 -25.02 1.06 -25.81
C ALA B 27 -23.75 0.93 -26.67
N ALA B 28 -22.60 0.51 -26.09
CA ALA B 28 -21.34 0.35 -26.81
C ALA B 28 -21.17 -1.06 -27.40
N ARG B 29 -22.08 -2.01 -27.08
CA ARG B 29 -22.04 -3.41 -27.49
C ARG B 29 -21.85 -3.62 -29.00
N SER B 30 -22.57 -2.86 -29.83
CA SER B 30 -22.50 -3.00 -31.29
C SER B 30 -21.26 -2.33 -31.93
N SER B 31 -20.48 -1.55 -31.17
CA SER B 31 -19.33 -0.83 -31.74
C SER B 31 -17.95 -1.17 -31.11
N ILE B 32 -17.86 -2.24 -30.28
CA ILE B 32 -16.59 -2.68 -29.67
C ILE B 32 -16.43 -4.18 -29.89
N ARG B 33 -15.20 -4.63 -30.23
CA ARG B 33 -14.85 -6.05 -30.42
C ARG B 33 -13.59 -6.40 -29.63
N VAL B 34 -13.54 -7.61 -29.03
CA VAL B 34 -12.34 -8.07 -28.33
C VAL B 34 -11.31 -8.55 -29.38
N VAL B 35 -10.06 -8.08 -29.26
CA VAL B 35 -8.92 -8.50 -30.09
C VAL B 35 -8.29 -9.77 -29.45
N ARG B 36 -7.96 -9.71 -28.15
CA ARG B 36 -7.37 -10.83 -27.41
C ARG B 36 -7.60 -10.68 -25.90
N VAL B 37 -7.44 -11.78 -25.16
CA VAL B 37 -7.51 -11.85 -23.70
C VAL B 37 -6.24 -12.52 -23.20
N GLU B 38 -5.57 -11.93 -22.20
CA GLU B 38 -4.37 -12.48 -21.59
C GLU B 38 -4.58 -12.66 -20.09
N ARG B 39 -4.15 -13.80 -19.51
CA ARG B 39 -4.19 -14.02 -18.05
C ARG B 39 -2.96 -13.34 -17.43
N VAL B 40 -3.14 -12.68 -16.27
CA VAL B 40 -2.06 -12.01 -15.54
C VAL B 40 -1.53 -12.94 -14.43
N SER B 41 -0.19 -13.03 -14.28
CA SER B 41 0.44 -13.81 -13.20
C SER B 41 1.31 -12.91 -12.30
N HIS B 42 0.94 -12.80 -11.00
CA HIS B 42 1.70 -12.06 -9.99
C HIS B 42 1.63 -12.88 -8.69
N PRO B 43 2.53 -13.89 -8.53
CA PRO B 43 2.41 -14.79 -7.37
C PRO B 43 2.44 -14.13 -5.99
N LEU B 44 3.30 -13.11 -5.76
CA LEU B 44 3.37 -12.44 -4.44
C LEU B 44 2.07 -11.68 -4.13
N LEU B 45 1.57 -10.85 -5.08
CA LEU B 45 0.33 -10.11 -4.86
C LEU B 45 -0.86 -11.08 -4.68
N GLN B 46 -0.92 -12.17 -5.46
CA GLN B 46 -1.99 -13.17 -5.30
C GLN B 46 -2.01 -13.74 -3.87
N GLN B 47 -0.84 -14.12 -3.33
CA GLN B 47 -0.78 -14.67 -1.96
C GLN B 47 -1.16 -13.61 -0.90
N GLN B 48 -0.74 -12.35 -1.08
CA GLN B 48 -1.09 -11.27 -0.13
C GLN B 48 -2.61 -10.97 -0.16
N TYR B 49 -3.22 -10.99 -1.38
CA TYR B 49 -4.67 -10.82 -1.59
C TYR B 49 -5.46 -11.96 -0.90
N GLU B 50 -4.99 -13.22 -1.06
CA GLU B 50 -5.67 -14.39 -0.47
C GLU B 50 -5.68 -14.29 1.07
N LEU B 51 -4.60 -13.77 1.69
CA LEU B 51 -4.55 -13.58 3.15
C LEU B 51 -5.59 -12.53 3.62
N TYR B 52 -5.72 -11.40 2.90
CA TYR B 52 -6.70 -10.35 3.21
C TYR B 52 -8.13 -10.92 3.04
N ARG B 53 -8.37 -11.71 1.97
CA ARG B 53 -9.68 -12.34 1.70
C ARG B 53 -10.11 -13.25 2.87
N GLU B 54 -9.17 -14.04 3.44
CA GLU B 54 -9.48 -14.91 4.60
C GLU B 54 -9.98 -14.10 5.81
N ARG B 55 -9.38 -12.92 6.07
CA ARG B 55 -9.83 -12.05 7.17
C ARG B 55 -11.26 -11.54 6.94
N LEU B 56 -11.61 -11.16 5.68
CA LEU B 56 -12.97 -10.69 5.37
C LEU B 56 -14.00 -11.84 5.44
N LEU B 57 -13.62 -13.08 5.04
CA LEU B 57 -14.55 -14.23 5.14
C LEU B 57 -14.93 -14.49 6.61
N GLN B 58 -14.03 -14.20 7.55
CA GLN B 58 -14.24 -14.40 8.99
C GLN B 58 -15.07 -13.29 9.65
N ARG B 59 -15.00 -12.02 9.18
CA ARG B 59 -15.69 -10.91 9.87
C ARG B 59 -16.75 -10.10 9.06
N CYS B 60 -16.63 -10.01 7.72
CA CYS B 60 -17.51 -9.19 6.87
C CYS B 60 -19.00 -9.58 6.99
N GLU B 61 -19.88 -8.54 6.98
CA GLU B 61 -21.34 -8.68 7.08
C GLU B 61 -21.97 -8.91 5.71
N ARG B 62 -21.59 -8.07 4.72
CA ARG B 62 -22.07 -8.14 3.33
C ARG B 62 -21.50 -9.39 2.65
N ARG B 63 -22.33 -10.08 1.84
CA ARG B 63 -21.91 -11.24 1.07
C ARG B 63 -22.34 -11.05 -0.40
N PRO B 64 -21.46 -11.31 -1.41
CA PRO B 64 -20.07 -11.82 -1.32
C PRO B 64 -19.08 -10.78 -0.79
N VAL B 65 -17.88 -11.22 -0.35
CA VAL B 65 -16.84 -10.33 0.18
C VAL B 65 -16.00 -9.73 -0.97
N GLU B 66 -16.08 -10.30 -2.18
CA GLU B 66 -15.32 -9.83 -3.34
C GLU B 66 -16.20 -9.80 -4.59
N GLN B 67 -15.81 -8.95 -5.56
CA GLN B 67 -16.52 -8.81 -6.84
C GLN B 67 -15.52 -8.74 -7.99
N VAL B 68 -15.93 -9.19 -9.19
CA VAL B 68 -15.16 -9.09 -10.43
C VAL B 68 -15.54 -7.75 -11.09
N LEU B 69 -14.55 -6.83 -11.25
CA LEU B 69 -14.78 -5.45 -11.74
C LEU B 69 -13.76 -5.06 -12.83
N TYR B 70 -14.05 -3.95 -13.54
CA TYR B 70 -13.23 -3.48 -14.67
C TYR B 70 -12.41 -2.21 -14.32
N HIS B 71 -11.24 -2.06 -14.96
CA HIS B 71 -10.38 -0.87 -14.81
C HIS B 71 -9.72 -0.54 -16.17
N GLY B 72 -10.22 0.51 -16.82
CA GLY B 72 -9.63 0.99 -18.07
C GLY B 72 -8.37 1.77 -17.77
N THR B 73 -7.33 1.62 -18.63
CA THR B 73 -6.07 2.32 -18.39
C THR B 73 -5.40 2.73 -19.69
N THR B 74 -4.35 3.56 -19.58
CA THR B 74 -3.55 3.98 -20.74
C THR B 74 -2.57 2.85 -21.09
N ALA B 75 -2.10 2.79 -22.36
CA ALA B 75 -1.13 1.78 -22.79
C ALA B 75 0.19 1.84 -21.96
N PRO B 76 0.79 3.02 -21.61
CA PRO B 76 2.04 2.99 -20.83
C PRO B 76 1.87 2.50 -19.38
N ALA B 77 0.64 2.54 -18.83
CA ALA B 77 0.39 2.11 -17.44
C ALA B 77 0.24 0.57 -17.30
N VAL B 78 0.03 -0.15 -18.41
CA VAL B 78 -0.17 -1.61 -18.46
C VAL B 78 1.03 -2.40 -17.83
N PRO B 79 2.32 -2.20 -18.24
CA PRO B 79 3.40 -3.01 -17.63
C PRO B 79 3.55 -2.84 -16.10
N ASP B 80 3.30 -1.62 -15.57
CA ASP B 80 3.42 -1.36 -14.13
C ASP B 80 2.33 -2.10 -13.31
N ILE B 81 1.08 -2.15 -13.82
CA ILE B 81 0.01 -2.87 -13.12
C ILE B 81 0.31 -4.40 -13.14
N CYS B 82 0.85 -4.93 -14.27
CA CYS B 82 1.20 -6.36 -14.37
C CYS B 82 2.31 -6.74 -13.38
N ALA B 83 3.30 -5.86 -13.17
CA ALA B 83 4.46 -6.12 -12.33
C ALA B 83 4.28 -5.74 -10.84
N HIS B 84 3.41 -4.76 -10.51
CA HIS B 84 3.31 -4.29 -9.12
C HIS B 84 1.86 -4.16 -8.57
N GLY B 85 0.86 -4.39 -9.40
CA GLY B 85 -0.52 -4.22 -8.99
C GLY B 85 -0.97 -2.78 -9.15
N PHE B 86 -2.13 -2.45 -8.58
CA PHE B 86 -2.74 -1.11 -8.65
C PHE B 86 -2.18 -0.20 -7.56
N ASN B 87 -1.97 1.09 -7.85
CA ASN B 87 -1.35 2.03 -6.92
C ASN B 87 -2.15 3.35 -6.87
N ARG B 88 -2.76 3.64 -5.69
CA ARG B 88 -3.57 4.86 -5.47
C ARG B 88 -2.76 6.18 -5.59
N SER B 89 -1.42 6.10 -5.46
CA SER B 89 -0.57 7.30 -5.46
C SER B 89 -0.35 7.87 -6.87
N PHE B 90 -0.80 7.17 -7.93
CA PHE B 90 -0.66 7.63 -9.31
C PHE B 90 -2.02 8.26 -9.80
N CYS B 91 -2.60 9.15 -8.94
CA CYS B 91 -3.89 9.86 -9.04
C CYS B 91 -4.20 10.41 -10.47
N GLY B 92 -3.52 11.44 -11.02
CA GLY B 92 -2.45 12.26 -10.45
C GLY B 92 -2.93 13.70 -10.31
N ARG B 93 -3.28 14.33 -11.45
CA ARG B 93 -3.88 15.67 -11.52
C ARG B 93 -5.38 15.50 -11.83
N ASN B 94 -5.76 14.25 -12.10
CA ASN B 94 -7.11 13.76 -12.37
C ASN B 94 -7.95 13.86 -11.11
N ALA B 95 -9.25 14.24 -11.26
CA ALA B 95 -10.20 14.35 -10.16
C ALA B 95 -10.49 12.99 -9.52
N THR B 96 -10.70 12.97 -8.20
CA THR B 96 -10.99 11.78 -7.39
C THR B 96 -12.18 12.12 -6.49
N VAL B 97 -13.38 12.22 -7.11
CA VAL B 97 -14.59 12.74 -6.46
C VAL B 97 -15.18 11.80 -5.38
N TYR B 98 -14.76 10.52 -5.31
CA TYR B 98 -15.23 9.57 -4.29
C TYR B 98 -14.06 9.15 -3.34
N GLY B 99 -12.93 9.88 -3.40
CA GLY B 99 -11.77 9.62 -2.54
C GLY B 99 -10.51 9.30 -3.31
N LYS B 100 -9.34 9.49 -2.66
CA LYS B 100 -8.04 9.22 -3.27
C LYS B 100 -7.63 7.73 -3.16
N GLY B 101 -8.27 6.91 -3.98
CA GLY B 101 -8.01 5.48 -4.08
C GLY B 101 -7.94 5.04 -5.54
N VAL B 102 -8.03 3.71 -5.77
CA VAL B 102 -8.05 3.12 -7.13
C VAL B 102 -9.54 2.84 -7.49
N TYR B 103 -9.98 3.29 -8.69
CA TYR B 103 -11.36 3.24 -9.17
C TYR B 103 -11.65 2.00 -10.05
N PHE B 104 -12.79 1.35 -9.80
CA PHE B 104 -13.24 0.16 -10.54
C PHE B 104 -14.71 0.31 -10.93
N ALA B 105 -15.09 -0.19 -12.12
CA ALA B 105 -16.47 -0.12 -12.59
C ALA B 105 -17.16 -1.49 -12.57
N ARG B 106 -18.45 -1.51 -12.20
CA ARG B 106 -19.28 -2.71 -12.28
C ARG B 106 -19.54 -3.13 -13.74
N ARG B 107 -19.65 -2.13 -14.65
CA ARG B 107 -20.00 -2.37 -16.05
C ARG B 107 -18.89 -1.93 -17.00
N ALA B 108 -18.59 -2.78 -18.01
CA ALA B 108 -17.57 -2.51 -19.02
C ALA B 108 -17.87 -1.23 -19.83
N SER B 109 -19.18 -0.85 -19.97
CA SER B 109 -19.60 0.37 -20.68
C SER B 109 -18.96 1.65 -20.10
N LEU B 110 -18.60 1.65 -18.80
CA LEU B 110 -17.94 2.79 -18.19
C LEU B 110 -16.41 2.77 -18.47
N SER B 111 -15.71 1.66 -18.16
CA SER B 111 -14.25 1.55 -18.34
C SER B 111 -13.77 1.63 -19.81
N VAL B 112 -14.63 1.29 -20.78
CA VAL B 112 -14.29 1.32 -22.22
C VAL B 112 -14.27 2.76 -22.79
N GLN B 113 -14.73 3.78 -22.03
CA GLN B 113 -14.74 5.17 -22.50
C GLN B 113 -13.29 5.68 -22.67
N ASP B 114 -13.04 6.50 -23.73
CA ASP B 114 -11.70 7.01 -24.05
C ASP B 114 -11.06 7.81 -22.91
N ARG B 115 -11.89 8.42 -22.01
CA ARG B 115 -11.35 9.17 -20.87
C ARG B 115 -10.56 8.23 -19.91
N TYR B 116 -10.85 6.90 -19.92
CA TYR B 116 -10.14 5.93 -19.07
C TYR B 116 -9.20 4.99 -19.87
N SER B 117 -9.63 4.54 -21.06
CA SER B 117 -8.84 3.59 -21.89
C SER B 117 -8.53 4.17 -23.28
N PRO B 118 -7.72 5.26 -23.39
CA PRO B 118 -7.47 5.85 -24.71
C PRO B 118 -6.69 4.90 -25.65
N PRO B 119 -6.93 4.93 -26.98
CA PRO B 119 -6.25 3.97 -27.86
C PRO B 119 -4.75 4.20 -27.99
N ASN B 120 -4.01 3.12 -28.29
CA ASN B 120 -2.58 3.19 -28.59
C ASN B 120 -2.44 3.39 -30.13
N ALA B 121 -1.21 3.32 -30.69
CA ALA B 121 -0.97 3.53 -32.12
C ALA B 121 -1.64 2.50 -33.05
N ASP B 122 -1.94 1.28 -32.52
CA ASP B 122 -2.60 0.23 -33.28
C ASP B 122 -4.14 0.28 -33.17
N GLY B 123 -4.67 1.28 -32.46
CA GLY B 123 -6.11 1.45 -32.22
C GLY B 123 -6.65 0.56 -31.11
N HIS B 124 -5.74 -0.04 -30.33
CA HIS B 124 -6.09 -0.95 -29.24
C HIS B 124 -6.30 -0.20 -27.93
N LYS B 125 -7.38 -0.56 -27.21
CA LYS B 125 -7.80 0.00 -25.92
C LYS B 125 -7.66 -1.08 -24.83
N ALA B 126 -7.05 -0.73 -23.68
CA ALA B 126 -6.76 -1.67 -22.59
C ALA B 126 -7.73 -1.58 -21.42
N VAL B 127 -8.34 -2.73 -21.07
CA VAL B 127 -9.27 -2.85 -19.93
C VAL B 127 -8.86 -4.07 -19.08
N PHE B 128 -8.42 -3.82 -17.84
CA PHE B 128 -8.13 -4.93 -16.91
C PHE B 128 -9.42 -5.45 -16.27
N VAL B 129 -9.42 -6.75 -15.95
CA VAL B 129 -10.44 -7.41 -15.14
C VAL B 129 -9.74 -7.77 -13.82
N ALA B 130 -10.36 -7.44 -12.68
CA ALA B 130 -9.74 -7.66 -11.37
C ALA B 130 -10.71 -8.25 -10.35
N ARG B 131 -10.16 -9.04 -9.40
CA ARG B 131 -10.89 -9.48 -8.21
C ARG B 131 -10.65 -8.37 -7.18
N VAL B 132 -11.72 -7.77 -6.64
CA VAL B 132 -11.61 -6.64 -5.71
C VAL B 132 -12.33 -6.99 -4.39
N LEU B 133 -11.63 -6.79 -3.24
CA LEU B 133 -12.20 -7.05 -1.91
C LEU B 133 -13.04 -5.85 -1.45
N THR B 134 -14.26 -5.77 -1.99
CA THR B 134 -15.23 -4.69 -1.73
C THR B 134 -15.78 -4.78 -0.30
N GLY B 135 -15.96 -5.99 0.23
CA GLY B 135 -16.46 -6.22 1.59
C GLY B 135 -17.65 -5.35 1.97
N ASP B 136 -17.58 -4.69 3.14
CA ASP B 136 -18.61 -3.75 3.60
C ASP B 136 -18.25 -2.33 3.08
N TYR B 137 -19.19 -1.65 2.39
CA TYR B 137 -18.93 -0.34 1.81
C TYR B 137 -19.81 0.80 2.33
N GLY B 138 -19.26 2.02 2.27
CA GLY B 138 -19.91 3.28 2.62
C GLY B 138 -19.81 4.28 1.48
N GLN B 139 -20.44 5.46 1.64
CA GLN B 139 -20.46 6.52 0.63
C GLN B 139 -19.07 7.17 0.46
N GLY B 140 -18.58 7.23 -0.77
CA GLY B 140 -17.32 7.91 -1.05
C GLY B 140 -17.47 9.42 -0.98
N ARG B 141 -16.38 10.13 -0.61
CA ARG B 141 -16.34 11.60 -0.50
C ARG B 141 -14.97 12.06 -1.04
N ARG B 142 -14.91 13.24 -1.67
CA ARG B 142 -13.69 13.70 -2.37
C ARG B 142 -12.48 13.90 -1.43
N GLY B 143 -12.71 14.19 -0.15
CA GLY B 143 -11.61 14.38 0.81
C GLY B 143 -11.01 13.13 1.43
N LEU B 144 -11.58 11.94 1.17
CA LEU B 144 -11.06 10.69 1.77
C LEU B 144 -9.65 10.29 1.31
N ARG B 145 -8.82 9.81 2.26
CA ARG B 145 -7.48 9.26 2.00
C ARG B 145 -7.45 7.78 2.39
N ALA B 146 -8.52 7.33 3.05
CA ALA B 146 -8.76 5.97 3.53
C ALA B 146 -10.30 5.68 3.47
N PRO B 147 -10.80 4.43 3.67
CA PRO B 147 -12.26 4.20 3.51
C PRO B 147 -13.13 5.00 4.51
N PRO B 148 -14.42 5.24 4.16
CA PRO B 148 -15.31 6.04 5.04
C PRO B 148 -15.60 5.39 6.42
N LEU B 149 -15.95 6.24 7.39
CA LEU B 149 -16.26 5.82 8.77
C LEU B 149 -17.62 5.13 8.89
N ARG B 150 -17.71 4.09 9.74
CA ARG B 150 -18.96 3.35 9.96
C ARG B 150 -19.92 4.08 10.91
N GLY B 151 -19.38 4.79 11.90
CA GLY B 151 -20.19 5.52 12.87
C GLY B 151 -20.76 4.66 13.99
N PRO B 152 -21.80 5.16 14.71
CA PRO B 152 -22.38 4.39 15.83
C PRO B 152 -23.05 3.08 15.42
N GLY B 153 -23.07 2.11 16.34
CA GLY B 153 -23.66 0.80 16.11
C GLY B 153 -22.74 -0.23 15.46
N HIS B 154 -21.42 0.07 15.36
CA HIS B 154 -20.40 -0.82 14.77
C HIS B 154 -19.12 -0.83 15.62
N VAL B 155 -18.49 -2.02 15.80
CA VAL B 155 -17.22 -2.18 16.54
C VAL B 155 -16.07 -1.56 15.70
N LEU B 156 -15.98 -1.94 14.41
CA LEU B 156 -14.96 -1.43 13.49
C LEU B 156 -15.20 0.05 13.18
N LEU B 157 -14.13 0.84 13.05
CA LEU B 157 -14.20 2.27 12.80
C LEU B 157 -14.38 2.63 11.31
N ARG B 158 -13.77 1.86 10.38
CA ARG B 158 -13.89 2.18 8.96
C ARG B 158 -14.44 1.02 8.16
N TYR B 159 -15.08 1.35 7.02
CA TYR B 159 -15.57 0.37 6.05
C TYR B 159 -14.37 -0.23 5.27
N ASP B 160 -14.60 -1.23 4.42
CA ASP B 160 -13.55 -1.85 3.60
C ASP B 160 -13.31 -1.05 2.31
N SER B 161 -14.38 -0.46 1.74
CA SER B 161 -14.31 0.28 0.47
C SER B 161 -15.34 1.42 0.44
N ALA B 162 -15.25 2.28 -0.60
CA ALA B 162 -16.18 3.37 -0.86
C ALA B 162 -16.91 3.13 -2.19
N VAL B 163 -18.14 3.68 -2.32
CA VAL B 163 -18.97 3.59 -3.52
C VAL B 163 -19.55 4.95 -3.92
N ASP B 164 -20.00 5.06 -5.19
CA ASP B 164 -20.67 6.26 -5.68
C ASP B 164 -22.10 6.39 -5.10
N CYS B 165 -22.79 5.25 -4.88
CA CYS B 165 -24.19 5.20 -4.45
C CYS B 165 -24.42 3.91 -3.65
N ILE B 166 -24.80 4.02 -2.37
CA ILE B 166 -24.96 2.84 -1.50
C ILE B 166 -26.12 1.91 -1.96
N CYS B 167 -27.28 2.47 -2.37
CA CYS B 167 -28.42 1.62 -2.74
C CYS B 167 -28.25 0.93 -4.12
N GLN B 168 -27.48 1.53 -5.06
CA GLN B 168 -27.24 0.92 -6.37
C GLN B 168 -25.81 1.27 -6.84
N PRO B 169 -24.78 0.59 -6.30
CA PRO B 169 -23.39 0.97 -6.66
C PRO B 169 -22.99 0.64 -8.11
N SER B 170 -22.27 1.56 -8.76
CA SER B 170 -21.74 1.33 -10.11
C SER B 170 -20.20 1.54 -10.15
N ILE B 171 -19.63 2.21 -9.12
CA ILE B 171 -18.19 2.50 -8.98
C ILE B 171 -17.74 2.13 -7.56
N PHE B 172 -16.62 1.39 -7.44
CA PHE B 172 -16.00 1.01 -6.17
C PHE B 172 -14.60 1.59 -6.09
N VAL B 173 -14.20 2.12 -4.92
CA VAL B 173 -12.88 2.71 -4.68
C VAL B 173 -12.20 1.97 -3.51
N ILE B 174 -10.95 1.47 -3.71
CA ILE B 174 -10.18 0.79 -2.66
C ILE B 174 -8.92 1.63 -2.33
N PHE B 175 -8.42 1.51 -1.08
CA PHE B 175 -7.38 2.37 -0.53
C PHE B 175 -6.16 1.62 0.04
N HIS B 176 -5.99 0.31 -0.27
CA HIS B 176 -4.84 -0.51 0.17
C HIS B 176 -4.22 -1.22 -1.04
N ASP B 177 -2.88 -1.34 -1.07
CA ASP B 177 -2.12 -1.94 -2.17
C ASP B 177 -2.45 -3.44 -2.45
N THR B 178 -2.92 -4.21 -1.43
CA THR B 178 -3.17 -5.65 -1.58
C THR B 178 -4.66 -6.01 -1.78
N GLN B 179 -5.54 -5.02 -1.92
CA GLN B 179 -6.99 -5.21 -1.95
C GLN B 179 -7.60 -5.50 -3.34
N ALA B 180 -6.78 -5.47 -4.40
CA ALA B 180 -7.24 -5.77 -5.76
C ALA B 180 -6.17 -6.60 -6.49
N LEU B 181 -6.62 -7.68 -7.13
CA LEU B 181 -5.74 -8.58 -7.88
C LEU B 181 -6.10 -8.54 -9.36
N PRO B 182 -5.23 -7.99 -10.26
CA PRO B 182 -5.54 -8.08 -11.70
C PRO B 182 -5.47 -9.55 -12.14
N THR B 183 -6.51 -10.05 -12.86
CA THR B 183 -6.55 -11.46 -13.31
C THR B 183 -6.43 -11.57 -14.83
N HIS B 184 -6.99 -10.60 -15.59
CA HIS B 184 -6.97 -10.62 -17.06
C HIS B 184 -6.77 -9.23 -17.62
N LEU B 185 -6.22 -9.17 -18.84
CA LEU B 185 -6.09 -7.95 -19.63
C LEU B 185 -6.88 -8.18 -20.94
N ILE B 186 -7.92 -7.35 -21.14
CA ILE B 186 -8.72 -7.38 -22.38
C ILE B 186 -8.18 -6.29 -23.30
N THR B 187 -7.80 -6.66 -24.53
CA THR B 187 -7.42 -5.72 -25.58
C THR B 187 -8.62 -5.63 -26.53
N CYS B 188 -9.17 -4.42 -26.74
CA CYS B 188 -10.35 -4.26 -27.61
C CYS B 188 -10.15 -3.12 -28.64
N GLU B 189 -11.05 -3.02 -29.62
CA GLU B 189 -10.98 -2.01 -30.68
C GLU B 189 -12.38 -1.66 -31.21
N HIS B 190 -12.49 -0.56 -31.97
CA HIS B 190 -13.77 -0.11 -32.55
C HIS B 190 -14.23 -0.97 -33.73
N VAL B 191 -15.56 -1.16 -33.89
CA VAL B 191 -16.17 -1.92 -34.99
C VAL B 191 -17.49 -1.25 -35.45
C4 78P C . 10.86 11.67 10.15
C5 78P C . 11.39 10.73 11.07
C6 78P C . 12.81 10.49 11.02
C8 78P C . 9.61 13.05 8.96
C10 78P C . 10.62 10.08 12.11
C13 78P C . 8.40 13.83 8.43
C15 78P C . 6.05 13.61 8.00
C17 78P C . 8.23 13.64 6.91
C1 78P C . 13.60 11.15 10.03
C2 78P C . 13.01 12.08 9.14
C3 78P C . 11.68 12.33 9.21
N7 78P C . 10.88 13.18 8.50
N9 78P C . 9.60 12.15 9.95
N11 78P C . 9.32 10.25 12.10
O12 78P C . 11.19 9.43 13.05
N14 78P C . 7.15 13.24 8.94
C16 78P C . 6.73 13.65 6.64
C18 78P C . 8.49 15.32 8.84
C4 78P D . -12.33 5.29 -13.48
C5 78P D . -12.62 4.04 -14.06
C6 78P D . -13.98 3.56 -13.93
C8 78P D . -11.47 7.16 -12.77
C10 78P D . -11.67 3.21 -14.80
C13 78P D . -10.41 8.23 -12.50
C15 78P D . -8.05 8.46 -12.02
C17 78P D . -10.25 8.51 -10.99
C1 78P D . -14.96 4.35 -13.25
C2 78P D . -14.62 5.61 -12.72
C3 78P D . -13.34 6.05 -12.84
N7 78P D . -12.78 7.19 -12.41
N9 78P D . -11.20 6.01 -13.43
N11 78P D . -10.39 3.61 -14.86
O12 78P D . -12.02 2.21 -15.45
N14 78P D . -9.06 7.75 -12.87
C16 78P D . -8.81 8.99 -10.81
C18 78P D . -10.76 9.56 -13.22
#